data_9RM6
#
_entry.id   9RM6
#
_cell.length_a   42.218
_cell.length_b   42.218
_cell.length_c   218.039
_cell.angle_alpha   90.000
_cell.angle_beta   90.000
_cell.angle_gamma   90.000
#
_symmetry.space_group_name_H-M   'P 43 2 2'
#
loop_
_entity.id
_entity.type
_entity.pdbx_description
1 polymer 'Serine protease subunit NS2B,Serine protease NS3'
2 non-polymer 6-chloranyl-~{N}-(2,3-dihydro-1~{H}-isoindol-5-yl)-1~{H}-indazole-4-carboxamide
3 non-polymer 'DIMETHYL SULFOXIDE'
4 non-polymer 'SULFATE ION'
5 water water
#
_entity_poly.entity_id   1
_entity_poly.type   'polypeptide(L)'
_entity_poly.pdbx_seq_one_letter_code
;SMGKSVDMYIERAGDITWEKDAEVTGNSPRLDVALDESGDFSLVEEMKEVKKGETTDGVYRVMTRRLLGSTQVGVGVMQE
GVFHTMWHVTKGAALRSGEGRLDPYWGDVKQDLVSYCGPWKLDAAWDGLSEVQLLAVPPGERAKNIQTLPGIFKTKDGDI
GAVALDYPAGTSGSPILDKCGRVIGLYGNGVVIKNGSYVSAITQGKREEETPVE
;
_entity_poly.pdbx_strand_id   A,B
#
# COMPACT_ATOMS: atom_id res chain seq x y z
N VAL A 6 -5.87 -5.13 22.81
CA VAL A 6 -5.39 -4.81 21.43
C VAL A 6 -6.57 -4.97 20.45
N ASP A 7 -7.01 -3.87 19.87
CA ASP A 7 -8.24 -3.80 19.07
C ASP A 7 -7.96 -4.41 17.67
N MET A 8 -6.98 -3.88 16.98
CA MET A 8 -6.78 -4.18 15.52
C MET A 8 -6.17 -5.58 15.35
N TYR A 9 -6.60 -6.31 14.33
CA TYR A 9 -6.13 -7.70 14.09
C TYR A 9 -5.96 -7.90 12.58
N ILE A 10 -5.13 -8.87 12.21
CA ILE A 10 -4.84 -9.14 10.78
C ILE A 10 -5.40 -10.52 10.42
N GLU A 11 -5.73 -10.66 9.13
CA GLU A 11 -6.25 -11.93 8.59
C GLU A 11 -5.76 -12.12 7.16
N ARG A 12 -5.22 -13.30 6.87
CA ARG A 12 -4.58 -13.58 5.56
C ARG A 12 -5.63 -13.43 4.44
N ALA A 13 -5.21 -12.77 3.33
CA ALA A 13 -6.09 -12.57 2.15
C ALA A 13 -5.47 -13.15 0.87
N GLY A 14 -4.22 -13.53 0.84
CA GLY A 14 -3.70 -14.14 -0.40
C GLY A 14 -2.21 -14.24 -0.45
N ASP A 15 -1.69 -14.79 -1.55
CA ASP A 15 -0.26 -14.87 -1.85
C ASP A 15 0.15 -13.61 -2.63
N ILE A 16 1.41 -13.29 -2.55
CA ILE A 16 1.94 -12.16 -3.35
C ILE A 16 2.63 -12.74 -4.58
N THR A 17 1.88 -12.75 -5.65
CA THR A 17 2.27 -13.41 -6.90
C THR A 17 1.73 -12.58 -8.08
N TRP A 18 2.54 -12.42 -9.12
CA TRP A 18 2.13 -11.84 -10.43
C TRP A 18 1.21 -12.84 -11.10
N GLU A 19 0.02 -12.42 -11.54
CA GLU A 19 -0.93 -13.34 -12.20
C GLU A 19 -1.02 -13.01 -13.70
N LYS A 20 -0.74 -14.01 -14.53
CA LYS A 20 -0.66 -13.85 -16.01
C LYS A 20 -2.03 -13.44 -16.55
N ASP A 21 -3.10 -13.89 -15.89
CA ASP A 21 -4.47 -13.67 -16.40
C ASP A 21 -5.05 -12.31 -15.99
N ALA A 22 -4.27 -11.42 -15.33
CA ALA A 22 -4.82 -10.23 -14.67
C ALA A 22 -5.56 -9.33 -15.65
N GLU A 23 -6.66 -8.72 -15.22
CA GLU A 23 -7.30 -7.56 -15.89
C GLU A 23 -6.32 -6.37 -16.02
N VAL A 24 -6.37 -5.65 -17.13
CA VAL A 24 -5.44 -4.52 -17.44
C VAL A 24 -6.26 -3.23 -17.55
N THR A 25 -5.98 -2.23 -16.71
CA THR A 25 -6.76 -0.97 -16.68
C THR A 25 -6.00 0.13 -15.96
N GLY A 26 -6.57 1.34 -15.96
CA GLY A 26 -5.95 2.56 -15.40
C GLY A 26 -5.14 3.32 -16.43
N ASN A 27 -5.15 4.65 -16.34
CA ASN A 27 -4.29 5.54 -17.16
C ASN A 27 -2.96 5.79 -16.43
N SER A 28 -2.08 6.61 -17.00
N SER A 28 -2.13 6.68 -16.96
CA SER A 28 -0.71 6.89 -16.49
CA SER A 28 -0.72 6.91 -16.53
C SER A 28 -0.47 8.40 -16.45
C SER A 28 -0.45 8.40 -16.44
N PRO A 29 -1.14 9.14 -15.55
CA PRO A 29 -1.05 10.59 -15.55
C PRO A 29 0.31 11.06 -15.02
N ARG A 30 0.75 12.20 -15.53
CA ARG A 30 1.96 12.93 -15.06
C ARG A 30 1.47 14.14 -14.25
N LEU A 31 1.70 14.12 -12.93
CA LEU A 31 1.10 15.13 -12.00
C LEU A 31 2.21 15.80 -11.19
N ASP A 32 2.14 17.14 -11.13
CA ASP A 32 2.99 17.95 -10.22
C ASP A 32 2.38 17.91 -8.82
N VAL A 33 3.14 17.44 -7.83
CA VAL A 33 2.58 17.32 -6.44
C VAL A 33 3.62 17.84 -5.44
N ALA A 34 3.13 18.17 -4.26
CA ALA A 34 3.95 18.53 -3.09
C ALA A 34 3.57 17.62 -1.91
N LEU A 35 4.54 17.24 -1.09
CA LEU A 35 4.33 16.35 0.08
C LEU A 35 4.58 17.18 1.35
N ASP A 36 3.61 17.27 2.24
CA ASP A 36 3.77 18.10 3.48
C ASP A 36 4.30 17.22 4.59
N GLU A 37 4.54 17.85 5.75
CA GLU A 37 5.17 17.17 6.90
C GLU A 37 4.20 16.17 7.52
N SER A 38 2.90 16.21 7.20
CA SER A 38 1.92 15.19 7.70
C SER A 38 1.81 14.02 6.70
N GLY A 39 2.66 13.97 5.67
CA GLY A 39 2.59 12.84 4.72
C GLY A 39 1.42 13.00 3.78
N ASP A 40 0.89 14.19 3.61
CA ASP A 40 -0.26 14.41 2.70
C ASP A 40 0.24 15.04 1.40
N PHE A 41 -0.15 14.44 0.28
CA PHE A 41 0.16 14.98 -1.07
C PHE A 41 -0.93 15.98 -1.45
N SER A 42 -0.53 17.04 -2.13
CA SER A 42 -1.48 17.99 -2.77
C SER A 42 -0.99 18.24 -4.22
N LEU A 43 -1.94 18.44 -5.11
CA LEU A 43 -1.63 18.87 -6.50
C LEU A 43 -1.04 20.30 -6.51
N VAL A 44 0.08 20.50 -7.22
CA VAL A 44 0.60 21.84 -7.60
C VAL A 44 0.10 22.07 -9.03
N GLU A 45 -1.04 22.75 -9.20
CA GLU A 45 -1.89 22.65 -10.43
C GLU A 45 -2.35 24.06 -10.86
N THR B 55 1.90 -15.97 10.58
CA THR B 55 3.30 -15.61 10.21
C THR B 55 3.66 -16.02 8.79
N THR B 56 2.82 -16.78 8.06
CA THR B 56 3.08 -17.09 6.64
C THR B 56 3.27 -15.78 5.89
N ASP B 57 4.27 -15.71 5.00
CA ASP B 57 4.36 -14.63 4.00
C ASP B 57 3.00 -14.50 3.31
N GLY B 58 2.64 -13.29 2.96
CA GLY B 58 1.49 -13.00 2.08
C GLY B 58 0.82 -11.68 2.38
N VAL B 59 -0.32 -11.42 1.75
CA VAL B 59 -1.07 -10.15 1.93
C VAL B 59 -2.19 -10.38 2.95
N TYR B 60 -2.43 -9.40 3.84
CA TYR B 60 -3.35 -9.54 5.01
C TYR B 60 -4.26 -8.32 5.05
N ARG B 61 -5.49 -8.49 5.50
CA ARG B 61 -6.38 -7.40 5.88
C ARG B 61 -6.02 -6.95 7.28
N VAL B 62 -6.19 -5.67 7.54
CA VAL B 62 -6.11 -5.05 8.88
C VAL B 62 -7.51 -4.62 9.30
N MET B 63 -8.03 -5.24 10.35
CA MET B 63 -9.41 -5.05 10.84
C MET B 63 -9.42 -4.37 12.21
N THR B 64 -10.50 -3.65 12.49
CA THR B 64 -10.80 -3.06 13.83
C THR B 64 -12.20 -3.47 14.25
N ARG B 65 -12.41 -3.63 15.55
CA ARG B 65 -13.75 -3.74 16.15
C ARG B 65 -14.17 -2.43 16.83
N ARG B 66 -13.41 -1.32 16.69
CA ARG B 66 -13.74 -0.05 17.43
C ARG B 66 -14.83 0.74 16.70
N LEU B 67 -15.11 0.47 15.42
CA LEU B 67 -16.25 1.10 14.69
C LEU B 67 -17.44 0.12 14.69
N LEU B 68 -18.46 0.36 13.86
CA LEU B 68 -19.59 -0.62 13.80
C LEU B 68 -19.02 -1.99 13.40
N GLY B 69 -19.49 -3.07 14.00
CA GLY B 69 -19.09 -4.44 13.58
C GLY B 69 -17.59 -4.65 13.49
N SER B 70 -17.11 -5.39 12.48
CA SER B 70 -15.70 -5.59 12.11
C SER B 70 -15.49 -4.83 10.80
N THR B 71 -14.65 -3.84 10.86
CA THR B 71 -14.36 -2.92 9.72
C THR B 71 -12.94 -3.10 9.23
N GLN B 72 -12.73 -3.13 7.91
CA GLN B 72 -11.37 -3.20 7.35
C GLN B 72 -10.83 -1.77 7.18
N VAL B 73 -9.82 -1.45 7.97
CA VAL B 73 -9.15 -0.10 7.93
C VAL B 73 -7.99 -0.13 6.94
N GLY B 74 -7.45 -1.28 6.55
CA GLY B 74 -6.38 -1.35 5.54
C GLY B 74 -5.89 -2.75 5.29
N VAL B 75 -4.65 -2.84 4.82
CA VAL B 75 -4.04 -4.03 4.21
C VAL B 75 -2.55 -3.97 4.48
N GLY B 76 -1.87 -5.10 4.54
CA GLY B 76 -0.41 -5.08 4.63
C GLY B 76 0.24 -6.35 4.14
N VAL B 77 1.55 -6.36 4.15
CA VAL B 77 2.41 -7.43 3.62
C VAL B 77 3.22 -8.06 4.71
N MET B 78 3.13 -9.37 4.92
CA MET B 78 4.04 -10.14 5.76
C MET B 78 5.18 -10.68 4.90
N GLN B 79 6.42 -10.35 5.22
CA GLN B 79 7.59 -10.85 4.48
C GLN B 79 8.73 -10.99 5.45
N GLU B 80 9.39 -12.12 5.51
CA GLU B 80 10.60 -12.37 6.35
C GLU B 80 10.24 -12.10 7.84
N GLY B 81 9.02 -12.39 8.27
CA GLY B 81 8.60 -12.26 9.68
C GLY B 81 8.21 -10.83 10.06
N VAL B 82 8.24 -9.90 9.11
CA VAL B 82 7.92 -8.47 9.37
C VAL B 82 6.59 -8.13 8.68
N PHE B 83 5.70 -7.40 9.37
CA PHE B 83 4.43 -6.92 8.84
C PHE B 83 4.58 -5.45 8.40
N HIS B 84 4.24 -5.17 7.16
CA HIS B 84 4.48 -3.86 6.48
C HIS B 84 3.12 -3.24 6.16
N THR B 85 2.83 -2.03 6.55
CA THR B 85 1.57 -1.34 6.15
C THR B 85 1.80 0.16 6.06
N MET B 86 0.74 0.93 5.86
CA MET B 86 0.85 2.41 5.78
C MET B 86 0.57 2.95 7.19
N TRP B 87 1.32 3.96 7.62
CA TRP B 87 1.16 4.54 8.95
C TRP B 87 -0.30 4.93 9.20
N HIS B 88 -1.00 5.51 8.23
CA HIS B 88 -2.36 6.06 8.45
C HIS B 88 -3.38 4.92 8.67
N VAL B 89 -3.04 3.69 8.35
CA VAL B 89 -3.92 2.51 8.62
C VAL B 89 -4.00 2.17 10.11
N THR B 90 -2.87 2.13 10.80
CA THR B 90 -2.79 1.69 12.20
C THR B 90 -2.50 2.85 13.18
N LYS B 91 -1.95 3.96 12.70
CA LYS B 91 -1.46 5.10 13.52
C LYS B 91 -0.47 4.58 14.57
N GLY B 92 0.22 3.50 14.25
CA GLY B 92 1.32 2.95 15.08
C GLY B 92 0.82 2.05 16.20
N ALA B 93 -0.47 1.68 16.24
CA ALA B 93 -1.01 0.82 17.31
C ALA B 93 -0.48 -0.61 17.17
N ALA B 94 -0.51 -1.37 18.28
CA ALA B 94 -0.19 -2.81 18.21
C ALA B 94 -1.30 -3.56 17.48
N LEU B 95 -0.92 -4.70 16.95
CA LEU B 95 -1.82 -5.59 16.18
C LEU B 95 -1.88 -6.98 16.80
N ARG B 96 -3.02 -7.63 16.66
CA ARG B 96 -3.23 -9.04 17.05
C ARG B 96 -3.12 -9.91 15.78
N SER B 97 -2.46 -11.06 15.87
CA SER B 97 -2.53 -12.13 14.87
C SER B 97 -2.88 -13.44 15.59
N GLY B 98 -4.14 -13.83 15.55
CA GLY B 98 -4.65 -14.88 16.43
C GLY B 98 -4.43 -14.48 17.88
N GLU B 99 -3.67 -15.29 18.63
CA GLU B 99 -3.39 -15.10 20.06
C GLU B 99 -2.10 -14.29 20.23
N GLY B 100 -1.42 -13.95 19.13
CA GLY B 100 -0.10 -13.30 19.15
C GLY B 100 -0.23 -11.79 19.05
N ARG B 101 0.78 -11.06 19.48
CA ARG B 101 0.81 -9.58 19.36
C ARG B 101 1.94 -9.20 18.40
N LEU B 102 1.69 -8.20 17.59
CA LEU B 102 2.72 -7.57 16.71
C LEU B 102 2.91 -6.14 17.21
N ASP B 103 4.13 -5.77 17.58
CA ASP B 103 4.48 -4.45 18.13
C ASP B 103 5.15 -3.66 17.02
N PRO B 104 4.89 -2.34 16.92
CA PRO B 104 5.60 -1.54 15.91
C PRO B 104 7.11 -1.52 16.20
N TYR B 105 7.87 -1.45 15.10
CA TYR B 105 9.34 -1.49 15.17
C TYR B 105 9.96 -0.22 14.54
N TRP B 106 9.38 0.22 13.44
CA TRP B 106 9.85 1.41 12.68
C TRP B 106 8.60 2.08 12.11
N GLY B 107 8.61 3.42 12.06
CA GLY B 107 7.60 4.09 11.22
C GLY B 107 7.90 5.57 11.06
N ASP B 108 7.21 6.17 10.10
CA ASP B 108 7.42 7.56 9.71
C ASP B 108 6.13 8.12 9.11
N VAL B 109 5.61 9.17 9.72
CA VAL B 109 4.34 9.81 9.25
C VAL B 109 4.54 10.41 7.85
N LYS B 110 5.70 10.97 7.57
CA LYS B 110 5.82 11.70 6.28
C LYS B 110 5.92 10.68 5.14
N GLN B 111 6.64 9.59 5.32
CA GLN B 111 6.68 8.48 4.32
C GLN B 111 5.33 7.74 4.31
N ASP B 112 4.56 7.82 5.40
CA ASP B 112 3.27 7.14 5.64
C ASP B 112 3.49 5.61 5.65
N LEU B 113 4.54 5.12 6.30
CA LEU B 113 4.84 3.69 6.38
C LEU B 113 5.12 3.28 7.85
N VAL B 114 4.94 1.98 8.13
CA VAL B 114 5.24 1.39 9.44
C VAL B 114 5.56 -0.10 9.24
N SER B 115 6.48 -0.60 10.05
CA SER B 115 6.84 -2.04 10.09
C SER B 115 6.62 -2.54 11.52
N TYR B 116 6.28 -3.83 11.61
CA TYR B 116 6.03 -4.55 12.89
C TYR B 116 6.98 -5.74 12.97
N CYS B 117 7.50 -5.98 14.16
CA CYS B 117 8.34 -7.15 14.52
C CYS B 117 9.76 -7.08 13.98
N GLY B 118 10.10 -6.08 13.14
CA GLY B 118 11.49 -5.98 12.67
C GLY B 118 11.52 -4.84 11.64
N PRO B 119 12.73 -4.58 11.11
CA PRO B 119 12.88 -3.45 10.18
C PRO B 119 12.22 -3.69 8.83
N TRP B 120 11.89 -2.63 8.12
CA TRP B 120 11.32 -2.66 6.74
C TRP B 120 12.19 -3.57 5.84
N LYS B 121 11.56 -4.55 5.18
CA LYS B 121 12.28 -5.57 4.42
C LYS B 121 12.13 -5.34 2.91
N LEU B 122 11.16 -4.57 2.46
CA LEU B 122 10.77 -4.48 1.03
C LEU B 122 11.70 -3.48 0.33
N ASP B 123 12.46 -3.92 -0.65
CA ASP B 123 13.46 -2.96 -1.22
C ASP B 123 13.43 -2.96 -2.76
N ALA B 124 12.54 -3.68 -3.39
CA ALA B 124 12.42 -3.61 -4.87
C ALA B 124 11.83 -2.27 -5.27
N ALA B 125 12.22 -1.82 -6.48
CA ALA B 125 11.74 -0.52 -6.99
C ALA B 125 11.19 -0.66 -8.39
N TRP B 126 10.14 0.11 -8.68
CA TRP B 126 9.62 0.27 -10.07
C TRP B 126 10.79 0.68 -10.98
N ASP B 127 10.95 -0.05 -12.10
CA ASP B 127 12.06 0.21 -13.05
C ASP B 127 11.79 1.48 -13.85
N GLY B 128 10.59 2.07 -13.80
CA GLY B 128 10.27 3.35 -14.47
C GLY B 128 9.77 3.14 -15.90
N LEU B 129 9.54 1.91 -16.35
CA LEU B 129 9.25 1.59 -17.78
C LEU B 129 8.10 0.59 -17.91
N SER B 130 8.11 -0.44 -17.05
CA SER B 130 7.32 -1.69 -17.17
C SER B 130 5.93 -1.56 -16.52
N GLU B 131 4.92 -2.29 -16.99
CA GLU B 131 3.65 -2.45 -16.21
C GLU B 131 3.89 -3.17 -14.87
N VAL B 132 3.00 -2.88 -13.96
CA VAL B 132 2.99 -3.44 -12.58
C VAL B 132 1.61 -4.06 -12.32
N GLN B 133 1.48 -4.77 -11.19
CA GLN B 133 0.15 -5.21 -10.68
C GLN B 133 -0.13 -4.68 -9.27
N LEU B 134 -1.27 -4.07 -9.10
CA LEU B 134 -1.82 -3.80 -7.77
C LEU B 134 -2.51 -5.10 -7.34
N LEU B 135 -2.09 -5.66 -6.21
CA LEU B 135 -2.85 -6.75 -5.56
C LEU B 135 -3.87 -6.15 -4.60
N ALA B 136 -4.99 -5.76 -5.18
CA ALA B 136 -6.01 -4.99 -4.42
C ALA B 136 -6.72 -5.95 -3.46
N VAL B 137 -6.92 -5.50 -2.22
CA VAL B 137 -7.70 -6.27 -1.21
C VAL B 137 -8.76 -5.33 -0.66
N PRO B 138 -9.91 -5.15 -1.35
CA PRO B 138 -10.95 -4.22 -0.91
C PRO B 138 -11.73 -4.76 0.29
N PRO B 139 -12.34 -3.89 1.12
CA PRO B 139 -13.16 -4.35 2.25
C PRO B 139 -14.19 -5.34 1.72
N GLY B 140 -14.33 -6.49 2.39
CA GLY B 140 -15.33 -7.51 2.12
C GLY B 140 -15.21 -8.24 0.79
N GLU B 141 -14.12 -8.02 0.04
CA GLU B 141 -13.97 -8.52 -1.33
C GLU B 141 -12.69 -9.35 -1.45
N ARG B 142 -12.74 -10.31 -2.37
CA ARG B 142 -11.57 -11.18 -2.66
C ARG B 142 -10.39 -10.38 -3.16
N ALA B 143 -9.16 -10.79 -2.81
CA ALA B 143 -7.94 -10.18 -3.40
C ALA B 143 -7.96 -10.41 -4.93
N LYS B 144 -7.61 -9.37 -5.68
CA LYS B 144 -7.62 -9.42 -7.16
C LYS B 144 -6.43 -8.64 -7.72
N ASN B 145 -5.71 -9.21 -8.67
CA ASN B 145 -4.57 -8.50 -9.32
C ASN B 145 -5.12 -7.61 -10.46
N ILE B 146 -4.66 -6.36 -10.52
CA ILE B 146 -5.03 -5.37 -11.57
C ILE B 146 -3.73 -4.87 -12.20
N GLN B 147 -3.59 -5.06 -13.51
CA GLN B 147 -2.31 -4.72 -14.18
C GLN B 147 -2.47 -3.31 -14.73
N THR B 148 -1.39 -2.51 -14.68
CA THR B 148 -1.49 -1.10 -15.10
C THR B 148 -0.08 -0.60 -15.40
N LEU B 149 -0.02 0.46 -16.22
CA LEU B 149 1.22 1.23 -16.46
C LEU B 149 1.16 2.47 -15.57
N PRO B 150 2.08 2.57 -14.57
CA PRO B 150 2.09 3.75 -13.71
C PRO B 150 2.31 5.04 -14.49
N GLY B 151 1.71 6.09 -13.94
CA GLY B 151 2.07 7.48 -14.24
C GLY B 151 3.14 7.91 -13.27
N ILE B 152 3.36 9.22 -13.19
CA ILE B 152 4.48 9.81 -12.40
C ILE B 152 3.92 10.94 -11.54
N PHE B 153 4.34 10.96 -10.28
CA PHE B 153 4.32 12.18 -9.43
C PHE B 153 5.67 12.90 -9.58
N LYS B 154 5.63 14.15 -9.98
CA LYS B 154 6.82 15.03 -10.03
C LYS B 154 6.82 15.91 -8.77
N THR B 155 7.89 15.78 -7.98
CA THR B 155 8.08 16.57 -6.74
C THR B 155 9.38 17.34 -6.81
N LYS B 156 9.51 18.32 -5.93
CA LYS B 156 10.74 19.15 -5.79
C LYS B 156 11.92 18.22 -5.43
N ASP B 157 11.66 17.04 -4.89
CA ASP B 157 12.70 16.12 -4.37
C ASP B 157 12.85 14.93 -5.33
N GLY B 158 12.20 14.99 -6.50
CA GLY B 158 12.30 13.90 -7.49
C GLY B 158 10.97 13.26 -7.82
N ASP B 159 11.02 12.29 -8.72
CA ASP B 159 9.80 11.67 -9.31
C ASP B 159 9.57 10.31 -8.70
N ILE B 160 8.30 9.97 -8.56
CA ILE B 160 7.81 8.70 -7.97
C ILE B 160 6.78 8.13 -8.92
N GLY B 161 6.75 6.81 -9.12
CA GLY B 161 5.63 6.19 -9.84
C GLY B 161 4.31 6.42 -9.15
N ALA B 162 3.21 6.37 -9.89
CA ALA B 162 1.87 6.56 -9.34
C ALA B 162 0.91 5.64 -10.10
N VAL B 163 -0.06 5.10 -9.38
CA VAL B 163 -1.06 4.21 -10.03
C VAL B 163 -2.45 4.83 -9.93
N ALA B 164 -3.12 4.90 -11.07
CA ALA B 164 -4.42 5.58 -11.23
C ALA B 164 -5.51 4.51 -11.21
N LEU B 165 -5.78 3.99 -10.03
CA LEU B 165 -6.81 2.96 -9.79
C LEU B 165 -7.57 3.40 -8.55
N ASP B 166 -8.89 3.35 -8.62
CA ASP B 166 -9.82 3.90 -7.61
C ASP B 166 -10.36 2.75 -6.77
N TYR B 167 -9.96 2.66 -5.52
CA TYR B 167 -10.51 1.72 -4.53
C TYR B 167 -10.93 2.48 -3.28
N PRO B 168 -11.75 1.85 -2.41
CA PRO B 168 -12.13 2.49 -1.15
C PRO B 168 -10.91 2.62 -0.23
N ALA B 169 -10.96 3.58 0.69
CA ALA B 169 -9.80 3.88 1.58
C ALA B 169 -9.31 2.67 2.39
N GLY B 170 -10.19 1.70 2.67
CA GLY B 170 -9.79 0.53 3.47
C GLY B 170 -8.95 -0.45 2.66
N THR B 171 -8.67 -0.14 1.38
CA THR B 171 -7.74 -0.89 0.50
C THR B 171 -6.30 -0.41 0.76
N SER B 172 -6.11 0.66 1.53
CA SER B 172 -4.77 1.25 1.85
C SER B 172 -3.85 0.16 2.36
N GLY B 173 -2.61 0.12 1.87
CA GLY B 173 -1.59 -0.87 2.23
C GLY B 173 -1.54 -2.03 1.27
N SER B 174 -2.46 -2.09 0.30
CA SER B 174 -2.39 -3.16 -0.73
C SER B 174 -1.05 -3.04 -1.47
N PRO B 175 -0.39 -4.19 -1.74
CA PRO B 175 0.90 -4.17 -2.40
C PRO B 175 0.83 -3.98 -3.90
N ILE B 176 1.86 -3.29 -4.41
CA ILE B 176 2.14 -3.16 -5.87
C ILE B 176 3.35 -4.02 -6.21
N LEU B 177 3.24 -4.84 -7.26
CA LEU B 177 4.20 -5.91 -7.60
C LEU B 177 4.86 -5.65 -8.95
N ASP B 178 6.12 -6.09 -9.08
CA ASP B 178 6.80 -6.19 -10.40
C ASP B 178 6.62 -7.60 -10.98
N LYS B 179 7.20 -7.86 -12.15
CA LYS B 179 6.86 -9.12 -12.87
C LYS B 179 7.47 -10.33 -12.18
N CYS B 180 8.38 -10.10 -11.25
CA CYS B 180 9.01 -11.15 -10.42
C CYS B 180 8.23 -11.42 -9.14
N GLY B 181 7.09 -10.75 -8.95
CA GLY B 181 6.29 -10.83 -7.73
C GLY B 181 6.92 -10.10 -6.55
N ARG B 182 7.91 -9.22 -6.77
CA ARG B 182 8.51 -8.41 -5.69
C ARG B 182 7.62 -7.22 -5.38
N VAL B 183 7.51 -6.85 -4.12
CA VAL B 183 6.70 -5.69 -3.73
C VAL B 183 7.54 -4.43 -3.94
N ILE B 184 7.10 -3.59 -4.86
CA ILE B 184 7.81 -2.31 -5.19
C ILE B 184 7.18 -1.14 -4.46
N GLY B 185 6.12 -1.34 -3.68
CA GLY B 185 5.53 -0.29 -2.82
C GLY B 185 4.15 -0.64 -2.37
N LEU B 186 3.56 0.24 -1.61
CA LEU B 186 2.18 0.10 -1.10
C LEU B 186 1.30 1.21 -1.69
N TYR B 187 0.05 0.84 -1.96
CA TYR B 187 -1.02 1.66 -2.50
C TYR B 187 -1.79 2.33 -1.40
N GLY B 188 -2.10 3.61 -1.44
CA GLY B 188 -2.99 4.24 -0.47
C GLY B 188 -2.61 5.63 0.00
N ASN B 189 -1.56 6.23 -0.58
CA ASN B 189 -1.21 7.63 -0.29
C ASN B 189 -1.01 8.38 -1.62
N GLY B 190 -1.90 9.30 -1.85
CA GLY B 190 -1.93 10.06 -3.13
C GLY B 190 -2.85 11.24 -3.12
N VAL B 191 -3.45 11.52 -4.29
CA VAL B 191 -4.27 12.73 -4.46
C VAL B 191 -5.63 12.36 -5.09
N VAL B 192 -6.64 13.19 -4.82
CA VAL B 192 -7.97 13.16 -5.48
C VAL B 192 -7.86 14.05 -6.71
N ILE B 193 -8.17 13.51 -7.89
CA ILE B 193 -8.08 14.30 -9.16
C ILE B 193 -9.46 14.88 -9.49
N LYS B 194 -9.50 15.78 -10.47
CA LYS B 194 -10.71 16.56 -10.90
C LYS B 194 -11.96 15.68 -10.97
N ASN B 195 -11.79 14.41 -11.36
CA ASN B 195 -12.91 13.47 -11.65
C ASN B 195 -13.30 12.71 -10.39
N GLY B 196 -12.71 13.04 -9.24
CA GLY B 196 -13.08 12.55 -7.90
C GLY B 196 -12.37 11.26 -7.53
N SER B 197 -11.71 10.63 -8.51
CA SER B 197 -10.98 9.34 -8.36
C SER B 197 -9.64 9.59 -7.66
N TYR B 198 -9.05 8.52 -7.12
CA TYR B 198 -7.74 8.52 -6.44
C TYR B 198 -6.64 8.20 -7.47
N VAL B 199 -5.49 8.88 -7.34
CA VAL B 199 -4.22 8.40 -7.91
C VAL B 199 -3.24 8.24 -6.75
N SER B 200 -2.68 7.04 -6.60
CA SER B 200 -1.82 6.70 -5.45
C SER B 200 -0.36 6.80 -5.85
N ALA B 201 0.49 7.34 -4.99
CA ALA B 201 1.93 7.10 -5.12
C ALA B 201 2.23 5.60 -5.02
N ILE B 202 3.33 5.18 -5.63
CA ILE B 202 3.91 3.84 -5.29
C ILE B 202 4.85 4.14 -4.12
N THR B 203 4.42 3.89 -2.88
CA THR B 203 5.17 4.27 -1.68
C THR B 203 6.06 3.14 -1.23
N GLN B 204 7.39 3.33 -1.24
CA GLN B 204 8.34 2.26 -0.83
C GLN B 204 9.25 2.81 0.29
N GLY B 205 9.65 1.93 1.17
CA GLY B 205 10.55 2.22 2.31
C GLY B 205 11.99 1.89 1.95
N LYS B 206 12.93 2.13 2.86
CA LYS B 206 14.35 1.75 2.61
C LYS B 206 14.64 0.47 3.40
N ARG B 207 15.35 -0.50 2.83
CA ARG B 207 15.81 -1.67 3.61
C ARG B 207 17.21 -1.31 4.14
N GLU B 208 17.33 -1.10 5.47
CA GLU B 208 18.62 -0.77 6.16
C GLU B 208 19.58 -1.95 5.99
#